data_2C9L
#
_entry.id   2C9L
#
_cell.length_a   94.170
_cell.length_b   26.520
_cell.length_c   98.090
_cell.angle_alpha   90.00
_cell.angle_beta   103.95
_cell.angle_gamma   90.00
#
_symmetry.space_group_name_H-M   'C 1 2 1'
#
loop_
_entity.id
_entity.type
_entity.pdbx_description
1 polymer "5'-D(*AP*AP*GP*CP*AP*CP*TP*GP*AP*CP *TP*CP*AP*TP*GP*AP*AP*GP*T)-3'"
2 polymer "5'-D(*AP*CP*TP*TP*CP*AP*CP*TP*GP*AP *GP*TP*CP*AP*GP*TP*GP*CP*T)-3'"
3 polymer 'BZLF1 TRANS-ACTIVATOR PROTEIN'
4 water water
#
loop_
_entity_poly.entity_id
_entity_poly.type
_entity_poly.pdbx_seq_one_letter_code
_entity_poly.pdbx_strand_id
1 'polydeoxyribonucleotide' (DA)(DA)(DG)(DC)(DA)(DC)(DT)(DG)(DA)(DC)(DT)(DC)(DA)(DT)(DG)(DA)(DA)(DG)(DT) A
2 'polydeoxyribonucleotide' (DA)(DC)(DT)(DT)(DC)(DA)(DT)(DG)(DA)(DG)(DT)(DC)(DA)(DG)(DT)(DG)(DC)(DT) B
3 'polypeptide(L)' MLEIKRYKNRVAARKSRAKFKQLLQHYREVAAAKSSENDRLRLLLKQMCPSLDVDSIIPRTPD Y,Z
#
loop_
_chem_comp.id
_chem_comp.type
_chem_comp.name
_chem_comp.formula
DA DNA linking 2'-DEOXYADENOSINE-5'-MONOPHOSPHATE 'C10 H14 N5 O6 P'
DC DNA linking 2'-DEOXYCYTIDINE-5'-MONOPHOSPHATE 'C9 H14 N3 O7 P'
DG DNA linking 2'-DEOXYGUANOSINE-5'-MONOPHOSPHATE 'C10 H14 N5 O7 P'
DT DNA linking THYMIDINE-5'-MONOPHOSPHATE 'C10 H15 N2 O8 P'
#
# COMPACT_ATOMS: atom_id res chain seq x y z
N MET C 1 -21.94 -12.32 -34.43
CA MET C 1 -21.77 -12.18 -32.95
C MET C 1 -20.36 -11.71 -32.60
N LEU C 2 -19.37 -12.32 -33.26
CA LEU C 2 -17.97 -12.01 -33.02
C LEU C 2 -17.63 -10.52 -33.03
N GLU C 3 -18.28 -9.76 -33.90
CA GLU C 3 -18.01 -8.33 -34.02
C GLU C 3 -18.35 -7.55 -32.75
N ILE C 4 -19.56 -7.76 -32.22
CA ILE C 4 -19.98 -7.06 -31.03
C ILE C 4 -19.22 -7.59 -29.80
N LYS C 5 -18.95 -8.89 -29.79
CA LYS C 5 -18.22 -9.50 -28.68
C LYS C 5 -16.84 -8.88 -28.62
N ARG C 6 -16.23 -8.70 -29.80
CA ARG C 6 -14.92 -8.11 -29.91
C ARG C 6 -14.94 -6.66 -29.41
N TYR C 7 -16.01 -5.94 -29.74
CA TYR C 7 -16.14 -4.55 -29.28
C TYR C 7 -16.28 -4.47 -27.77
N LYS C 8 -17.13 -5.33 -27.22
CA LYS C 8 -17.34 -5.36 -25.78
C LYS C 8 -16.07 -5.76 -25.04
N ASN C 9 -15.27 -6.65 -25.61
CA ASN C 9 -14.04 -7.05 -24.91
C ASN C 9 -13.03 -5.90 -24.96
N ARG C 10 -13.08 -5.13 -26.04
CA ARG C 10 -12.18 -3.99 -26.19
C ARG C 10 -12.52 -2.98 -25.09
N VAL C 11 -13.80 -2.87 -24.73
CA VAL C 11 -14.23 -1.97 -23.68
C VAL C 11 -13.76 -2.49 -22.30
N ALA C 12 -13.92 -3.80 -22.08
CA ALA C 12 -13.51 -4.42 -20.82
C ALA C 12 -12.00 -4.38 -20.60
N ALA C 13 -11.20 -4.51 -21.65
CA ALA C 13 -9.74 -4.44 -21.50
C ALA C 13 -9.36 -3.03 -21.08
N ARG C 14 -9.96 -2.01 -21.72
CA ARG C 14 -9.68 -0.63 -21.36
C ARG C 14 -10.00 -0.42 -19.88
N LYS C 15 -11.15 -0.94 -19.46
CA LYS C 15 -11.57 -0.78 -18.07
C LYS C 15 -10.65 -1.50 -17.09
N SER C 16 -10.20 -2.69 -17.48
CA SER C 16 -9.33 -3.49 -16.65
C SER C 16 -7.99 -2.83 -16.48
N ARG C 17 -7.45 -2.32 -17.59
CA ARG C 17 -6.15 -1.64 -17.55
C ARG C 17 -6.22 -0.38 -16.69
N ALA C 18 -7.30 0.37 -16.79
CA ALA C 18 -7.45 1.61 -16.02
C ALA C 18 -7.65 1.21 -14.56
N LYS C 19 -8.37 0.12 -14.34
CA LYS C 19 -8.60 -0.37 -12.99
C LYS C 19 -7.28 -0.74 -12.30
N PHE C 20 -6.34 -1.32 -13.05
N PHE C 20 -6.32 -1.30 -13.12
CA PHE C 20 -5.07 -1.69 -12.46
CA PHE C 20 -5.02 -1.65 -12.55
C PHE C 20 -4.19 -0.47 -12.20
C PHE C 20 -4.19 -0.42 -12.25
N LYS C 21 -4.22 0.50 -13.10
CA LYS C 21 -3.44 1.73 -12.91
C LYS C 21 -3.92 2.49 -11.68
N GLN C 22 -5.23 2.55 -11.46
CA GLN C 22 -5.76 3.26 -10.31
C GLN C 22 -5.47 2.50 -9.02
N LEU C 23 -5.44 1.17 -9.12
CA LEU C 23 -5.17 0.33 -7.96
C LEU C 23 -3.74 0.61 -7.48
N LEU C 24 -2.82 0.73 -8.43
CA LEU C 24 -1.42 1.01 -8.12
C LEU C 24 -1.26 2.40 -7.51
N GLN C 25 -2.03 3.36 -8.02
CA GLN C 25 -1.97 4.73 -7.54
C GLN C 25 -2.51 4.76 -6.11
N HIS C 26 -3.55 4.00 -5.87
CA HIS C 26 -4.20 3.91 -4.57
C HIS C 26 -3.30 3.33 -3.48
N TYR C 27 -2.67 2.19 -3.74
CA TYR C 27 -1.80 1.56 -2.74
C TYR C 27 -0.52 2.33 -2.51
N ARG C 28 -0.14 3.13 -3.49
CA ARG C 28 1.07 3.93 -3.38
C ARG C 28 0.77 5.04 -2.34
N GLU C 29 -0.44 5.59 -2.40
CA GLU C 29 -0.88 6.65 -1.49
C GLU C 29 -1.14 6.15 -0.08
N VAL C 30 -1.79 5.00 0.03
CA VAL C 30 -2.10 4.39 1.31
C VAL C 30 -0.82 3.99 2.04
N ALA C 31 0.14 3.43 1.30
CA ALA C 31 1.42 3.04 1.89
C ALA C 31 2.07 4.25 2.54
N ALA C 32 2.02 5.37 1.85
CA ALA C 32 2.61 6.61 2.34
C ALA C 32 1.80 7.14 3.53
N ALA C 33 0.48 7.17 3.39
CA ALA C 33 -0.38 7.65 4.48
C ALA C 33 -0.21 6.83 5.76
N LYS C 34 -0.16 5.50 5.63
CA LYS C 34 0.01 4.63 6.78
C LYS C 34 1.40 4.81 7.39
N SER C 35 2.38 5.07 6.54
CA SER C 35 3.74 5.27 6.99
C SER C 35 3.86 6.57 7.77
N SER C 36 3.22 7.63 7.30
CA SER C 36 3.27 8.90 8.00
C SER C 36 2.51 8.78 9.31
N GLU C 37 1.37 8.10 9.29
CA GLU C 37 0.61 7.90 10.52
C GLU C 37 1.46 7.13 11.53
N ASN C 38 2.18 6.12 11.05
CA ASN C 38 3.05 5.32 11.91
C ASN C 38 4.04 6.25 12.61
N ASP C 39 4.57 7.22 11.88
CA ASP C 39 5.51 8.17 12.44
C ASP C 39 4.85 9.09 13.46
N ARG C 40 3.58 9.42 13.23
CA ARG C 40 2.87 10.29 14.16
C ARG C 40 2.58 9.58 15.47
N LEU C 41 2.13 8.34 15.38
CA LEU C 41 1.82 7.58 16.58
C LEU C 41 3.08 7.30 17.42
N ARG C 42 4.21 7.08 16.75
CA ARG C 42 5.46 6.81 17.46
C ARG C 42 5.92 8.05 18.22
N LEU C 43 5.63 9.23 17.66
CA LEU C 43 6.03 10.48 18.27
C LEU C 43 5.09 10.84 19.44
N LEU C 44 3.80 10.59 19.25
CA LEU C 44 2.81 10.87 20.29
C LEU C 44 3.08 9.98 21.50
N LEU C 45 3.38 8.72 21.24
CA LEU C 45 3.65 7.77 22.32
C LEU C 45 4.89 8.20 23.08
N LYS C 46 5.83 8.79 22.36
CA LYS C 46 7.07 9.25 22.96
C LYS C 46 6.79 10.49 23.82
N GLN C 47 5.93 11.38 23.33
CA GLN C 47 5.58 12.58 24.07
C GLN C 47 4.91 12.22 25.40
N MET C 48 3.97 11.28 25.35
CA MET C 48 3.24 10.85 26.54
C MET C 48 4.09 9.98 27.46
N CYS C 49 4.93 9.13 26.89
CA CYS C 49 5.79 8.24 27.67
C CYS C 49 7.25 8.47 27.29
N PRO C 50 7.78 9.64 27.67
CA PRO C 50 9.17 10.04 27.41
C PRO C 50 10.20 8.98 27.81
N SER C 51 9.84 8.13 28.76
CA SER C 51 10.74 7.11 29.24
C SER C 51 10.62 5.76 28.55
N LEU C 52 9.83 5.70 27.47
CA LEU C 52 9.63 4.45 26.75
C LEU C 52 10.40 4.38 25.43
N ASP C 53 11.13 3.29 25.21
CA ASP C 53 11.89 3.09 23.98
C ASP C 53 11.01 2.40 22.95
N VAL C 54 10.21 3.20 22.25
CA VAL C 54 9.29 2.66 21.24
C VAL C 54 9.97 1.82 20.15
N ASP C 55 11.03 2.35 19.56
CA ASP C 55 11.72 1.65 18.49
C ASP C 55 12.21 0.26 18.88
N SER C 56 12.40 0.04 20.19
CA SER C 56 12.86 -1.25 20.66
C SER C 56 11.70 -2.22 20.85
N ILE C 57 10.54 -1.68 21.22
CA ILE C 57 9.35 -2.50 21.42
C ILE C 57 8.76 -2.90 20.08
N ILE C 58 8.29 -1.92 19.34
CA ILE C 58 7.70 -2.17 18.03
C ILE C 58 8.70 -1.69 16.98
N PRO C 59 9.63 -2.57 16.60
CA PRO C 59 10.64 -2.21 15.59
C PRO C 59 10.05 -1.62 14.32
N ARG C 60 10.78 -0.69 13.72
CA ARG C 60 10.34 -0.05 12.50
C ARG C 60 10.51 -0.98 11.31
N THR C 61 9.71 -0.77 10.28
CA THR C 61 9.77 -1.59 9.08
C THR C 61 10.25 -0.70 7.94
N PRO C 62 11.00 -1.27 6.98
CA PRO C 62 11.47 -0.44 5.88
C PRO C 62 10.30 0.02 5.02
N ASP C 63 10.59 0.77 3.97
CA ASP C 63 9.56 1.27 3.07
C ASP C 63 10.03 1.18 1.62
N LEU D 2 9.71 -15.28 -44.00
CA LEU D 2 9.37 -15.24 -42.55
C LEU D 2 10.50 -14.70 -41.70
N GLU D 3 10.26 -14.60 -40.39
CA GLU D 3 11.26 -14.09 -39.48
C GLU D 3 10.94 -12.69 -38.99
N ILE D 4 10.81 -12.53 -37.67
CA ILE D 4 10.48 -11.23 -37.09
C ILE D 4 11.11 -11.03 -35.71
N LYS D 5 11.23 -9.77 -35.32
CA LYS D 5 11.80 -9.40 -34.00
C LYS D 5 10.68 -9.52 -32.98
N ARG D 6 9.83 -10.52 -33.17
CA ARG D 6 8.71 -10.78 -32.30
C ARG D 6 9.19 -11.30 -30.94
N TYR D 7 10.27 -12.08 -30.97
CA TYR D 7 10.83 -12.64 -29.75
C TYR D 7 11.26 -11.61 -28.72
N LYS D 8 11.97 -10.58 -29.17
CA LYS D 8 12.44 -9.53 -28.28
C LYS D 8 11.29 -8.79 -27.60
N ASN D 9 10.28 -8.42 -28.38
CA ASN D 9 9.16 -7.69 -27.79
C ASN D 9 8.33 -8.58 -26.86
N ARG D 10 8.26 -9.86 -27.18
CA ARG D 10 7.50 -10.78 -26.33
C ARG D 10 8.13 -10.76 -24.94
N VAL D 11 9.46 -10.75 -24.90
CA VAL D 11 10.18 -10.72 -23.63
C VAL D 11 9.99 -9.37 -22.92
N ALA D 12 10.11 -8.29 -23.68
CA ALA D 12 9.94 -6.94 -23.13
C ALA D 12 8.53 -6.74 -22.56
N ALA D 13 7.52 -7.32 -23.23
CA ALA D 13 6.15 -7.19 -22.74
C ALA D 13 6.05 -7.86 -21.37
N ARG D 14 6.52 -9.10 -21.27
CA ARG D 14 6.47 -9.83 -20.00
C ARG D 14 7.18 -9.03 -18.91
N LYS D 15 8.32 -8.45 -19.25
CA LYS D 15 9.10 -7.67 -18.30
C LYS D 15 8.34 -6.43 -17.83
N SER D 16 7.77 -5.69 -18.77
CA SER D 16 7.01 -4.48 -18.44
C SER D 16 5.85 -4.83 -17.51
N ARG D 17 5.15 -5.91 -17.81
CA ARG D 17 4.02 -6.34 -16.96
C ARG D 17 4.44 -6.84 -15.57
N ALA D 18 5.64 -7.42 -15.47
CA ALA D 18 6.11 -7.90 -14.17
C ALA D 18 6.50 -6.68 -13.33
N LYS D 19 7.17 -5.74 -13.94
CA LYS D 19 7.59 -4.52 -13.25
C LYS D 19 6.39 -3.88 -12.55
N PHE D 20 5.32 -3.71 -13.30
N PHE D 20 5.30 -3.72 -13.31
CA PHE D 20 4.10 -3.12 -12.78
CA PHE D 20 4.15 -3.14 -12.66
C PHE D 20 3.46 -4.01 -11.72
C PHE D 20 3.48 -4.04 -11.69
N LYS D 21 3.32 -5.29 -12.04
CA LYS D 21 2.70 -6.24 -11.12
C LYS D 21 3.52 -6.26 -9.82
N GLN D 22 4.85 -6.22 -9.95
CA GLN D 22 5.72 -6.23 -8.77
C GLN D 22 5.53 -4.97 -7.95
N LEU D 23 5.51 -3.81 -8.61
CA LEU D 23 5.31 -2.54 -7.92
C LEU D 23 4.03 -2.59 -7.10
N LEU D 24 2.96 -3.04 -7.74
CA LEU D 24 1.66 -3.14 -7.09
C LEU D 24 1.70 -4.06 -5.89
N GLN D 25 2.32 -5.22 -6.05
CA GLN D 25 2.43 -6.18 -4.95
C GLN D 25 3.26 -5.53 -3.84
N HIS D 26 4.34 -4.87 -4.23
CA HIS D 26 5.21 -4.20 -3.26
C HIS D 26 4.48 -3.18 -2.38
N TYR D 27 3.78 -2.24 -3.00
CA TYR D 27 3.05 -1.23 -2.24
C TYR D 27 2.02 -1.88 -1.35
N ARG D 28 1.37 -2.92 -1.86
CA ARG D 28 0.34 -3.63 -1.11
C ARG D 28 0.94 -4.21 0.17
N GLU D 29 2.13 -4.79 0.03
CA GLU D 29 2.82 -5.38 1.17
C GLU D 29 3.25 -4.31 2.16
N VAL D 30 3.81 -3.20 1.64
CA VAL D 30 4.20 -2.11 2.53
C VAL D 30 2.99 -1.60 3.30
N ALA D 31 1.89 -1.38 2.58
CA ALA D 31 0.66 -0.87 3.19
C ALA D 31 0.15 -1.79 4.29
N ALA D 32 0.19 -3.09 4.02
CA ALA D 32 -0.27 -4.10 4.97
C ALA D 32 0.67 -4.15 6.16
N ALA D 33 1.97 -4.10 5.90
CA ALA D 33 2.96 -4.13 6.96
C ALA D 33 2.77 -2.94 7.90
N LYS D 34 2.67 -1.74 7.33
CA LYS D 34 2.47 -0.54 8.14
C LYS D 34 1.18 -0.56 8.95
N SER D 35 0.10 -1.01 8.33
CA SER D 35 -1.19 -1.09 9.01
C SER D 35 -1.15 -1.94 10.27
N SER D 36 -0.54 -3.12 10.17
CA SER D 36 -0.45 -4.01 11.32
C SER D 36 0.41 -3.37 12.41
N GLU D 37 1.46 -2.67 11.99
CA GLU D 37 2.35 -2.00 12.92
C GLU D 37 1.58 -0.90 13.64
N ASN D 38 0.79 -0.15 12.89
CA ASN D 38 0.01 0.95 13.43
C ASN D 38 -1.04 0.48 14.42
N ASP D 39 -1.60 -0.70 14.19
CA ASP D 39 -2.60 -1.23 15.10
C ASP D 39 -1.93 -1.61 16.41
N ARG D 40 -0.70 -2.09 16.33
CA ARG D 40 0.04 -2.48 17.53
C ARG D 40 0.43 -1.22 18.32
N LEU D 41 0.71 -0.13 17.61
CA LEU D 41 1.07 1.12 18.26
C LEU D 41 -0.14 1.71 18.95
N ARG D 42 -1.30 1.66 18.28
CA ARG D 42 -2.54 2.18 18.85
C ARG D 42 -2.95 1.43 20.10
N LEU D 43 -2.66 0.13 20.13
CA LEU D 43 -3.01 -0.68 21.28
C LEU D 43 -2.05 -0.37 22.42
N LEU D 44 -0.77 -0.24 22.10
CA LEU D 44 0.24 0.06 23.10
C LEU D 44 -0.06 1.39 23.79
N LEU D 45 -0.48 2.37 23.01
CA LEU D 45 -0.79 3.69 23.56
C LEU D 45 -2.05 3.62 24.44
N LYS D 46 -2.99 2.78 24.05
CA LYS D 46 -4.22 2.63 24.82
C LYS D 46 -3.88 2.03 26.18
N GLN D 47 -3.10 0.96 26.18
CA GLN D 47 -2.72 0.28 27.42
C GLN D 47 -1.63 1.01 28.20
N MET D 48 -1.11 2.10 27.64
CA MET D 48 -0.09 2.88 28.33
C MET D 48 -0.72 4.19 28.81
N CYS D 49 -1.67 4.70 28.04
CA CYS D 49 -2.37 5.93 28.39
C CYS D 49 -3.86 5.68 28.13
N PRO D 50 -4.47 4.84 28.96
CA PRO D 50 -5.90 4.46 28.90
C PRO D 50 -6.90 5.59 28.70
N SER D 51 -6.70 6.68 29.40
CA SER D 51 -7.62 7.82 29.30
C SER D 51 -7.23 8.83 28.23
N LEU D 52 -6.95 8.34 27.03
CA LEU D 52 -6.56 9.21 25.92
C LEU D 52 -7.28 8.79 24.64
N ASP D 53 -7.99 9.73 24.02
CA ASP D 53 -8.70 9.44 22.79
C ASP D 53 -7.76 9.71 21.61
N VAL D 54 -6.95 8.71 21.28
CA VAL D 54 -5.97 8.80 20.19
C VAL D 54 -6.65 8.99 18.84
N ASP D 55 -7.79 8.35 18.65
CA ASP D 55 -8.52 8.44 17.39
C ASP D 55 -8.94 9.87 17.09
N SER D 56 -9.08 10.68 18.13
CA SER D 56 -9.48 12.08 17.96
C SER D 56 -8.25 12.94 17.68
N ILE D 57 -7.07 12.34 17.82
CA ILE D 57 -5.81 13.04 17.57
C ILE D 57 -5.24 12.57 16.25
N ILE D 58 -5.31 11.26 16.03
CA ILE D 58 -4.81 10.66 14.80
C ILE D 58 -5.78 9.55 14.40
N PRO D 59 -6.84 9.90 13.68
CA PRO D 59 -7.85 8.91 13.25
C PRO D 59 -7.24 7.81 12.39
N ARG D 60 -7.88 6.64 12.39
CA ARG D 60 -7.40 5.49 11.63
C ARG D 60 -7.43 5.77 10.12
N THR D 61 -6.36 5.44 9.42
CA THR D 61 -6.30 5.63 7.97
C THR D 61 -7.19 4.57 7.27
N PRO D 62 -8.15 5.04 6.43
CA PRO D 62 -9.11 4.22 5.67
C PRO D 62 -8.40 3.32 4.67
N ASP D 63 -7.76 2.30 5.24
CA ASP D 63 -7.04 1.19 4.61
C ASP D 63 -7.07 1.28 3.10
#